data_8YX3
#
_entry.id   8YX3
#
_cell.length_a   60.310
_cell.length_b   95.440
_cell.length_c   145.770
_cell.angle_alpha   90.00
_cell.angle_beta   90.00
_cell.angle_gamma   90.00
#
_symmetry.space_group_name_H-M   'P 21 21 21'
#
loop_
_entity.id
_entity.type
_entity.pdbx_description
1 polymer 'Papain-like protease nsp3'
2 non-polymer ~{N}-[1-(1,2-dihydroacenaphthylen-5-yl)cyclopropyl]-5-[(3~{S})-4-ethyl-3-methyl-piperazin-1-yl]-2-methyl-benzamide
3 water water
#
_entity_poly.entity_id   1
_entity_poly.type   'polypeptide(L)'
_entity_poly.pdbx_seq_one_letter_code
;GEVRTIKVFTTVDNINLHTQVVDMSMTYGQQFGPTYLDGADVTKIKPHNSHEGKTFYVLPNDDTLRVEAFEYYHTTDPSF
LGRYMSALNHTKKWKYPQVNGLTSIKWADNNSYLATALLTLQQIELKFNPPALQDAYYRARAGEAANFCALILAYCNKTV
GELGDVRETMSYLFQHANLDSCKRVLNVVCKTCGQQQTTLKGVEAVMYMGTLSYEQFKKGVQIPCTCGKQATKYLVQQES
PFVMMSAPPAQYELKHGTFTCASEYTGNYQCGHYKHITSKETLYCIDGALLTKSSEYKGPITDVFYKENSYTTTIK
;
_entity_poly.pdbx_strand_id   A,B
#
loop_
_chem_comp.id
_chem_comp.type
_chem_comp.name
_chem_comp.formula
A1LZ7 non-polymer ~{N}-[1-(1,2-dihydroacenaphthylen-5-yl)cyclopropyl]-5-[(3~{S})-4-ethyl-3-methyl-piperazin-1-yl]-2-methyl-benzamide 'C30 H35 N3 O'
#
# COMPACT_ATOMS: atom_id res chain seq x y z
N GLU A 2 53.39 -29.01 -15.87
CA GLU A 2 52.68 -29.42 -14.64
C GLU A 2 51.20 -28.95 -14.49
N VAL A 3 50.26 -29.81 -14.90
CA VAL A 3 48.86 -29.45 -15.18
C VAL A 3 48.04 -29.52 -13.91
N ARG A 4 47.73 -28.37 -13.29
CA ARG A 4 46.78 -28.40 -12.18
C ARG A 4 45.38 -27.97 -12.63
N THR A 5 44.37 -28.51 -11.95
CA THR A 5 42.98 -28.25 -12.29
C THR A 5 42.15 -27.90 -11.06
N ILE A 6 41.05 -27.18 -11.28
CA ILE A 6 40.03 -27.07 -10.25
C ILE A 6 38.66 -27.22 -10.89
N LYS A 7 37.67 -27.57 -10.05
CA LYS A 7 36.27 -27.66 -10.44
C LYS A 7 35.55 -26.34 -10.13
N VAL A 8 34.84 -25.81 -11.12
CA VAL A 8 33.94 -24.68 -10.90
C VAL A 8 32.59 -24.95 -11.55
N PHE A 9 31.64 -24.08 -11.24
CA PHE A 9 30.35 -24.07 -11.92
C PHE A 9 30.26 -22.86 -12.83
N THR A 10 29.59 -23.02 -13.95
CA THR A 10 29.25 -21.91 -14.81
C THR A 10 27.75 -21.83 -14.98
N THR A 11 27.31 -20.65 -15.36
CA THR A 11 25.90 -20.34 -15.44
C THR A 11 25.74 -19.05 -16.25
N VAL A 12 24.55 -18.89 -16.78
CA VAL A 12 24.10 -17.60 -17.26
C VAL A 12 23.00 -17.01 -16.40
N ASP A 13 22.36 -17.80 -15.55
CA ASP A 13 21.20 -17.32 -14.81
C ASP A 13 21.29 -17.55 -13.32
N ASN A 14 22.38 -18.15 -12.85
CA ASN A 14 22.58 -18.56 -11.46
C ASN A 14 21.51 -19.51 -10.92
N ILE A 15 20.76 -20.18 -11.77
CA ILE A 15 19.85 -21.21 -11.34
C ILE A 15 20.28 -22.58 -11.84
N ASN A 16 20.67 -22.63 -13.09
CA ASN A 16 21.24 -23.79 -13.72
C ASN A 16 22.75 -23.65 -13.66
N LEU A 17 23.37 -24.47 -12.82
CA LEU A 17 24.82 -24.55 -12.70
C LEU A 17 25.34 -25.75 -13.50
N HIS A 18 26.39 -25.50 -14.28
CA HIS A 18 27.08 -26.54 -15.04
C HIS A 18 28.50 -26.67 -14.54
N THR A 19 28.92 -27.90 -14.25
CA THR A 19 30.23 -28.13 -13.67
C THR A 19 31.34 -28.05 -14.71
N GLN A 20 32.43 -27.41 -14.36
CA GLN A 20 33.54 -27.24 -15.28
C GLN A 20 34.84 -27.59 -14.59
N VAL A 21 35.75 -28.22 -15.34
CA VAL A 21 37.13 -28.40 -14.91
C VAL A 21 37.94 -27.39 -15.68
N VAL A 22 38.70 -26.59 -14.97
CA VAL A 22 39.46 -25.52 -15.58
C VAL A 22 40.93 -25.80 -15.34
N ASP A 23 41.71 -25.72 -16.42
CA ASP A 23 43.17 -25.80 -16.36
C ASP A 23 43.69 -24.55 -15.67
N MET A 24 44.41 -24.74 -14.57
CA MET A 24 44.89 -23.57 -13.83
C MET A 24 45.96 -22.80 -14.56
N SER A 25 46.43 -23.32 -15.68
CA SER A 25 47.51 -22.71 -16.43
C SER A 25 47.02 -21.65 -17.39
N MET A 26 45.75 -21.75 -17.81
CA MET A 26 45.16 -20.90 -18.82
C MET A 26 44.24 -19.87 -18.18
N THR A 27 43.91 -18.82 -18.93
CA THR A 27 42.91 -17.88 -18.44
C THR A 27 41.50 -18.42 -18.66
N TYR A 28 40.59 -18.01 -17.78
CA TYR A 28 39.18 -18.30 -17.99
C TYR A 28 38.75 -17.98 -19.41
N GLY A 29 39.05 -16.77 -19.87
CA GLY A 29 38.75 -16.43 -21.24
C GLY A 29 39.27 -17.48 -22.21
N GLN A 30 40.47 -18.00 -21.96
CA GLN A 30 41.00 -19.03 -22.84
C GLN A 30 40.13 -20.28 -22.84
N GLN A 31 39.35 -20.51 -21.79
CA GLN A 31 38.62 -21.76 -21.64
C GLN A 31 37.13 -21.60 -21.76
N PHE A 32 36.61 -20.46 -21.32
CA PHE A 32 35.18 -20.21 -21.30
C PHE A 32 34.76 -19.09 -22.23
N GLY A 33 35.70 -18.27 -22.69
CA GLY A 33 35.37 -16.97 -23.21
C GLY A 33 35.18 -15.97 -22.08
N PRO A 34 34.53 -14.86 -22.39
CA PRO A 34 34.23 -13.86 -21.36
C PRO A 34 33.53 -14.45 -20.14
N THR A 35 34.08 -14.15 -18.96
CA THR A 35 33.80 -14.87 -17.74
C THR A 35 33.82 -13.88 -16.59
N TYR A 36 32.83 -13.99 -15.70
CA TYR A 36 32.73 -13.05 -14.58
C TYR A 36 32.53 -13.80 -13.27
N LEU A 37 32.98 -13.17 -12.20
CA LEU A 37 32.82 -13.68 -10.84
C LEU A 37 32.30 -12.54 -9.98
N ASP A 38 31.07 -12.71 -9.45
CA ASP A 38 30.33 -11.69 -8.72
C ASP A 38 30.54 -10.30 -9.30
N GLY A 39 30.44 -10.20 -10.61
CA GLY A 39 30.66 -8.94 -11.27
C GLY A 39 32.05 -8.72 -11.83
N ALA A 40 33.09 -9.02 -11.05
CA ALA A 40 34.45 -8.78 -11.51
C ALA A 40 34.78 -9.66 -12.71
N ASP A 41 35.10 -9.02 -13.84
CA ASP A 41 35.59 -9.73 -15.02
C ASP A 41 36.87 -10.51 -14.70
N VAL A 42 36.88 -11.81 -14.98
CA VAL A 42 38.05 -12.63 -14.73
C VAL A 42 38.64 -13.24 -16.01
N THR A 43 38.34 -12.67 -17.18
CA THR A 43 38.62 -13.33 -18.45
C THR A 43 40.10 -13.44 -18.80
N LYS A 44 40.93 -12.51 -18.34
CA LYS A 44 42.36 -12.58 -18.61
C LYS A 44 43.16 -13.01 -17.39
N ILE A 45 42.49 -13.42 -16.31
CA ILE A 45 43.17 -13.98 -15.15
C ILE A 45 43.01 -15.50 -15.15
N LYS A 46 43.85 -16.15 -14.39
CA LYS A 46 43.94 -17.58 -14.42
C LYS A 46 43.34 -18.15 -13.15
N PRO A 47 42.77 -19.33 -13.20
CA PRO A 47 42.14 -19.89 -12.00
C PRO A 47 43.05 -19.78 -10.79
N HIS A 48 42.43 -19.53 -9.64
CA HIS A 48 43.08 -19.55 -8.36
C HIS A 48 42.57 -20.74 -7.57
N ASN A 49 43.31 -21.11 -6.52
CA ASN A 49 42.85 -22.22 -5.69
C ASN A 49 41.52 -21.87 -5.03
N SER A 50 41.44 -20.67 -4.46
CA SER A 50 40.20 -20.20 -3.85
C SER A 50 39.01 -20.28 -4.78
N HIS A 51 39.24 -20.38 -6.08
CA HIS A 51 38.12 -20.44 -7.01
C HIS A 51 37.36 -21.78 -6.99
N GLU A 52 37.90 -22.83 -6.36
CA GLU A 52 37.20 -24.11 -6.41
C GLU A 52 35.79 -23.99 -5.84
N GLY A 53 34.82 -24.52 -6.57
CA GLY A 53 33.44 -24.61 -6.13
C GLY A 53 32.58 -23.43 -6.47
N LYS A 54 33.19 -22.32 -6.86
CA LYS A 54 32.45 -21.08 -7.06
C LYS A 54 31.75 -21.03 -8.40
N THR A 55 30.68 -20.25 -8.43
CA THR A 55 29.93 -20.07 -9.66
C THR A 55 30.51 -18.91 -10.47
N PHE A 56 30.52 -19.06 -11.79
CA PHE A 56 31.11 -18.09 -12.69
C PHE A 56 30.10 -17.83 -13.80
N TYR A 57 29.85 -16.55 -14.06
CA TYR A 57 28.98 -16.16 -15.16
C TYR A 57 29.79 -16.18 -16.45
N VAL A 58 29.27 -16.87 -17.48
CA VAL A 58 29.99 -17.01 -18.78
C VAL A 58 28.95 -16.77 -19.88
N LEU A 59 29.22 -15.85 -20.80
CA LEU A 59 28.23 -15.48 -21.84
C LEU A 59 27.75 -16.75 -22.57
N PRO A 60 26.45 -16.91 -22.91
CA PRO A 60 25.96 -18.14 -23.51
C PRO A 60 26.62 -18.42 -24.86
N ASN A 61 27.40 -19.50 -24.94
CA ASN A 61 28.15 -19.86 -26.18
C ASN A 61 27.47 -21.05 -26.87
N ASP A 62 26.76 -21.90 -26.12
CA ASP A 62 26.07 -23.10 -26.67
C ASP A 62 24.57 -22.84 -26.65
N ASP A 63 23.79 -23.47 -27.52
CA ASP A 63 22.34 -23.28 -27.60
C ASP A 63 21.63 -23.61 -26.30
N THR A 64 22.25 -24.39 -25.43
CA THR A 64 21.62 -24.63 -24.13
C THR A 64 21.70 -23.37 -23.28
N LEU A 65 22.88 -22.78 -23.19
CA LEU A 65 23.05 -21.55 -22.43
C LEU A 65 22.24 -20.40 -23.03
N ARG A 66 22.13 -20.38 -24.35
CA ARG A 66 21.34 -19.36 -25.00
C ARG A 66 19.89 -19.44 -24.54
N VAL A 67 19.34 -20.66 -24.58
CA VAL A 67 17.97 -20.88 -24.17
C VAL A 67 17.80 -20.51 -22.70
N GLU A 68 18.72 -20.98 -21.85
CA GLU A 68 18.63 -20.63 -20.45
C GLU A 68 18.67 -19.13 -20.26
N ALA A 69 19.43 -18.46 -21.12
CA ALA A 69 19.65 -17.01 -20.98
C ALA A 69 18.40 -16.24 -21.39
N PHE A 70 17.86 -16.58 -22.55
CA PHE A 70 16.63 -15.95 -22.99
C PHE A 70 15.52 -16.17 -21.99
N GLU A 71 15.37 -17.40 -21.50
CA GLU A 71 14.29 -17.69 -20.57
C GLU A 71 14.44 -16.91 -19.28
N TYR A 72 15.61 -16.40 -18.95
CA TYR A 72 15.77 -15.72 -17.67
C TYR A 72 15.67 -14.19 -17.78
N TYR A 73 16.06 -13.62 -18.91
CA TYR A 73 16.22 -12.19 -19.06
C TYR A 73 15.24 -11.60 -20.06
N HIS A 74 14.59 -12.43 -20.87
CA HIS A 74 13.69 -11.98 -21.93
C HIS A 74 14.40 -11.04 -22.88
N THR A 75 15.70 -11.24 -23.07
CA THR A 75 16.43 -10.51 -24.09
C THR A 75 17.36 -11.48 -24.81
N THR A 76 17.72 -11.14 -26.03
CA THR A 76 18.78 -11.84 -26.74
C THR A 76 19.97 -10.94 -27.02
N ASP A 77 20.00 -9.75 -26.46
CA ASP A 77 21.09 -8.82 -26.68
C ASP A 77 22.40 -9.38 -26.18
N PRO A 78 23.32 -9.72 -27.08
CA PRO A 78 24.57 -10.37 -26.64
C PRO A 78 25.37 -9.57 -25.65
N SER A 79 25.20 -8.25 -25.62
CA SER A 79 25.98 -7.45 -24.70
C SER A 79 25.35 -7.39 -23.31
N PHE A 80 24.13 -7.92 -23.16
CA PHE A 80 23.38 -7.70 -21.93
C PHE A 80 24.14 -8.23 -20.72
N LEU A 81 24.64 -9.48 -20.82
CA LEU A 81 25.20 -10.14 -19.65
C LEU A 81 26.42 -9.40 -19.16
N GLY A 82 27.30 -8.99 -20.09
CA GLY A 82 28.49 -8.28 -19.69
C GLY A 82 28.16 -6.92 -19.08
N ARG A 83 27.16 -6.24 -19.64
CA ARG A 83 26.73 -4.97 -19.07
C ARG A 83 26.21 -5.17 -17.65
N TYR A 84 25.29 -6.14 -17.47
CA TYR A 84 24.80 -6.46 -16.13
C TYR A 84 25.95 -6.78 -15.18
N MET A 85 26.89 -7.60 -15.62
CA MET A 85 28.01 -7.94 -14.74
C MET A 85 28.84 -6.69 -14.44
N SER A 86 29.05 -5.85 -15.45
CA SER A 86 29.83 -4.63 -15.28
C SER A 86 29.18 -3.71 -14.32
N ALA A 87 27.90 -3.46 -14.51
CA ALA A 87 27.15 -2.67 -13.53
C ALA A 87 27.18 -3.32 -12.16
N LEU A 88 27.04 -4.66 -12.12
CA LEU A 88 26.95 -5.36 -10.85
C LEU A 88 28.24 -5.19 -10.06
N ASN A 89 29.38 -5.08 -10.76
CA ASN A 89 30.66 -4.90 -10.07
C ASN A 89 30.68 -3.62 -9.24
N HIS A 90 29.89 -2.59 -9.62
CA HIS A 90 29.78 -1.42 -8.77
C HIS A 90 28.66 -1.52 -7.77
N THR A 91 27.45 -1.88 -8.21
CA THR A 91 26.28 -1.75 -7.33
C THR A 91 26.45 -2.57 -6.06
N LYS A 92 27.18 -3.68 -6.15
CA LYS A 92 27.54 -4.50 -5.00
C LYS A 92 28.35 -3.73 -3.98
N LYS A 93 29.03 -2.66 -4.38
CA LYS A 93 29.70 -1.83 -3.38
C LYS A 93 28.77 -0.75 -2.84
N TRP A 94 27.69 -0.44 -3.53
CA TRP A 94 26.73 0.50 -2.98
C TRP A 94 26.16 0.01 -1.67
N LYS A 95 25.74 0.95 -0.82
CA LYS A 95 24.99 0.63 0.38
C LYS A 95 23.50 0.87 0.15
N TYR A 96 22.67 0.02 0.76
CA TYR A 96 21.22 0.07 0.58
C TYR A 96 20.52 0.20 1.94
N PRO A 97 20.56 1.37 2.53
CA PRO A 97 19.88 1.54 3.82
C PRO A 97 18.38 1.28 3.72
N GLN A 98 17.78 0.99 4.86
CA GLN A 98 16.35 0.79 4.94
C GLN A 98 15.83 2.02 5.65
N VAL A 99 15.27 2.91 4.87
CA VAL A 99 14.81 4.22 5.29
C VAL A 99 13.31 4.11 5.32
N ASN A 100 12.69 4.16 6.49
CA ASN A 100 11.24 4.27 6.55
C ASN A 100 10.54 2.95 6.23
N GLY A 101 11.21 1.82 6.43
CA GLY A 101 10.62 0.55 6.02
C GLY A 101 10.74 0.27 4.53
N LEU A 102 11.45 1.11 3.80
CA LEU A 102 11.68 0.93 2.38
C LEU A 102 13.17 0.85 2.11
N THR A 103 13.52 0.30 0.97
CA THR A 103 14.92 0.11 0.65
C THR A 103 15.36 1.25 -0.26
N SER A 104 16.39 1.96 0.17
CA SER A 104 16.94 3.06 -0.59
C SER A 104 18.37 2.73 -1.02
N ILE A 105 19.07 3.74 -1.52
CA ILE A 105 20.46 3.64 -1.94
C ILE A 105 21.14 4.88 -1.42
N LYS A 106 22.24 4.73 -0.70
CA LYS A 106 23.12 5.86 -0.41
C LYS A 106 23.73 6.40 -1.71
N TRP A 107 23.76 7.73 -1.81
CA TRP A 107 24.09 8.35 -3.08
C TRP A 107 25.47 7.87 -3.52
N ALA A 108 25.60 7.57 -4.81
CA ALA A 108 26.86 7.22 -5.42
C ALA A 108 26.66 7.21 -6.92
N ASP A 109 27.68 7.64 -7.64
CA ASP A 109 27.69 7.63 -9.08
C ASP A 109 26.38 8.09 -9.70
N ASN A 110 25.79 9.16 -9.18
CA ASN A 110 24.60 9.75 -9.80
C ASN A 110 23.42 8.79 -9.76
N ASN A 111 23.35 7.95 -8.73
CA ASN A 111 22.29 6.96 -8.67
C ASN A 111 21.01 7.48 -8.01
N SER A 112 20.87 8.80 -7.81
CA SER A 112 19.66 9.32 -7.19
C SER A 112 18.43 8.85 -7.94
N TYR A 113 18.52 8.78 -9.27
CA TYR A 113 17.37 8.38 -10.06
C TYR A 113 17.02 6.93 -9.80
N LEU A 114 18.04 6.08 -9.68
CA LEU A 114 17.78 4.67 -9.38
C LEU A 114 17.13 4.54 -8.02
N ALA A 115 17.68 5.25 -7.02
CA ALA A 115 17.08 5.23 -5.68
C ALA A 115 15.60 5.58 -5.76
N THR A 116 15.26 6.62 -6.51
CA THR A 116 13.90 7.11 -6.53
C THR A 116 13.00 6.11 -7.21
N ALA A 117 13.51 5.40 -8.21
CA ALA A 117 12.70 4.42 -8.89
C ALA A 117 12.56 3.16 -8.03
N LEU A 118 13.61 2.81 -7.30
CA LEU A 118 13.53 1.66 -6.42
C LEU A 118 12.51 1.89 -5.35
N LEU A 119 12.55 3.07 -4.70
CA LEU A 119 11.54 3.44 -3.72
C LEU A 119 10.14 3.37 -4.33
N THR A 120 9.99 3.99 -5.50
CA THR A 120 8.68 3.95 -6.12
C THR A 120 8.26 2.51 -6.39
N LEU A 121 9.19 1.66 -6.85
CA LEU A 121 8.79 0.34 -7.28
C LEU A 121 8.35 -0.55 -6.11
N GLN A 122 8.73 -0.23 -4.87
CA GLN A 122 8.25 -0.87 -3.68
C GLN A 122 6.88 -0.39 -3.22
N GLN A 123 6.34 0.64 -3.85
CA GLN A 123 5.08 1.24 -3.42
C GLN A 123 3.96 0.99 -4.41
N ILE A 124 4.25 0.37 -5.54
CA ILE A 124 3.23 0.10 -6.52
C ILE A 124 3.28 -1.34 -7.00
N GLU A 125 2.14 -1.79 -7.52
CA GLU A 125 1.84 -3.19 -7.85
C GLU A 125 2.37 -3.51 -9.24
N LEU A 126 3.54 -4.15 -9.30
CA LEU A 126 4.17 -4.49 -10.56
C LEU A 126 4.59 -5.96 -10.59
N LYS A 127 4.16 -6.66 -11.63
CA LYS A 127 4.47 -8.08 -11.87
C LYS A 127 5.38 -8.10 -13.08
N PHE A 128 6.63 -8.51 -12.85
CA PHE A 128 7.66 -8.54 -13.89
C PHE A 128 7.58 -9.86 -14.63
N ASN A 129 7.85 -9.82 -15.90
CA ASN A 129 7.79 -11.05 -16.66
C ASN A 129 9.13 -11.74 -16.72
N PRO A 130 10.23 -11.02 -16.97
CA PRO A 130 11.54 -11.64 -16.87
C PRO A 130 11.76 -12.18 -15.46
N PRO A 131 12.02 -13.48 -15.35
CA PRO A 131 12.33 -14.03 -14.03
C PRO A 131 13.44 -13.31 -13.32
N ALA A 132 14.49 -12.95 -14.07
CA ALA A 132 15.59 -12.23 -13.46
C ALA A 132 15.08 -11.04 -12.66
N LEU A 133 14.17 -10.26 -13.27
CA LEU A 133 13.66 -9.06 -12.60
C LEU A 133 12.78 -9.42 -11.41
N GLN A 134 11.91 -10.44 -11.58
CA GLN A 134 11.10 -10.95 -10.46
C GLN A 134 12.00 -11.33 -9.30
N ASP A 135 13.03 -12.14 -9.58
CA ASP A 135 13.88 -12.60 -8.49
C ASP A 135 14.66 -11.44 -7.91
N ALA A 136 15.20 -10.56 -8.78
CA ALA A 136 15.95 -9.39 -8.29
C ALA A 136 15.06 -8.48 -7.46
N TYR A 137 13.78 -8.35 -7.83
CA TYR A 137 12.91 -7.40 -7.11
C TYR A 137 12.57 -7.90 -5.70
N TYR A 138 12.32 -9.19 -5.54
CA TYR A 138 11.95 -9.77 -4.25
C TYR A 138 13.07 -9.63 -3.24
N ARG A 139 14.30 -9.65 -3.74
CA ARG A 139 15.47 -9.50 -2.90
C ARG A 139 15.67 -8.03 -2.54
N ALA A 140 15.34 -7.15 -3.48
CA ALA A 140 15.47 -5.74 -3.27
C ALA A 140 14.47 -5.24 -2.25
N ARG A 141 13.32 -5.89 -2.17
CA ARG A 141 12.30 -5.54 -1.21
C ARG A 141 12.81 -5.80 0.19
N ALA A 142 13.53 -6.87 0.35
CA ALA A 142 14.09 -7.25 1.60
C ALA A 142 15.31 -6.47 1.99
N GLY A 143 16.00 -5.83 1.08
CA GLY A 143 17.17 -5.08 1.44
C GLY A 143 18.40 -5.26 0.60
N GLU A 144 18.45 -6.30 -0.22
CA GLU A 144 19.59 -6.55 -1.09
C GLU A 144 19.18 -6.13 -2.47
N ALA A 145 19.55 -4.95 -2.89
CA ALA A 145 19.10 -4.39 -4.18
C ALA A 145 20.23 -4.26 -5.19
N ALA A 146 21.43 -4.78 -4.94
CA ALA A 146 22.51 -4.78 -5.93
C ALA A 146 22.12 -5.40 -7.28
N ASN A 147 21.47 -6.55 -7.30
CA ASN A 147 21.20 -7.18 -8.59
C ASN A 147 20.07 -6.48 -9.33
N PHE A 148 19.00 -6.11 -8.62
CA PHE A 148 17.91 -5.40 -9.26
C PHE A 148 18.44 -4.13 -9.92
N CYS A 149 19.29 -3.42 -9.20
CA CYS A 149 19.87 -2.18 -9.73
C CYS A 149 20.78 -2.45 -10.93
N ALA A 150 21.57 -3.50 -10.85
CA ALA A 150 22.44 -3.80 -11.98
C ALA A 150 21.64 -4.24 -13.19
N LEU A 151 20.50 -4.90 -12.95
CA LEU A 151 19.62 -5.31 -14.06
C LEU A 151 18.95 -4.07 -14.66
N ILE A 152 18.58 -3.12 -13.82
CA ILE A 152 17.87 -1.95 -14.31
C ILE A 152 18.77 -1.18 -15.28
N LEU A 153 20.04 -0.99 -14.89
CA LEU A 153 21.02 -0.37 -15.79
C LEU A 153 21.17 -1.16 -17.08
N ALA A 154 21.25 -2.49 -16.98
CA ALA A 154 21.49 -3.32 -18.15
C ALA A 154 20.31 -3.24 -19.12
N TYR A 155 19.09 -3.33 -18.60
CA TYR A 155 17.94 -3.26 -19.47
C TYR A 155 17.81 -1.87 -20.11
N CYS A 156 18.08 -0.83 -19.31
CA CYS A 156 18.00 0.55 -19.79
C CYS A 156 19.30 1.06 -20.44
N ASN A 157 20.29 0.20 -20.66
CA ASN A 157 21.49 0.59 -21.38
C ASN A 157 22.12 1.84 -20.78
N LYS A 158 22.31 1.82 -19.47
CA LYS A 158 22.90 2.94 -18.77
C LYS A 158 24.22 2.56 -18.11
N THR A 159 25.14 3.48 -18.09
CA THR A 159 26.41 3.27 -17.43
C THR A 159 26.31 3.77 -16.01
N VAL A 160 26.93 3.03 -15.11
CA VAL A 160 27.24 3.58 -13.81
C VAL A 160 27.90 4.92 -13.97
N GLY A 161 27.47 5.86 -13.12
CA GLY A 161 27.93 7.21 -13.18
C GLY A 161 27.06 8.14 -14.00
N GLU A 162 26.32 7.60 -14.96
CA GLU A 162 25.39 8.39 -15.76
C GLU A 162 24.05 8.65 -15.06
N LEU A 163 23.69 9.92 -14.89
CA LEU A 163 22.38 10.24 -14.34
C LEU A 163 21.30 9.93 -15.37
N GLY A 164 20.35 9.05 -14.99
CA GLY A 164 19.21 8.77 -15.83
C GLY A 164 17.97 9.58 -15.45
N ASP A 165 16.97 9.49 -16.31
CA ASP A 165 15.67 10.12 -16.12
C ASP A 165 14.63 9.11 -15.64
N VAL A 166 14.00 9.43 -14.51
CA VAL A 166 13.20 8.44 -13.77
C VAL A 166 11.99 7.99 -14.60
N ARG A 167 11.28 8.94 -15.16
CA ARG A 167 10.22 8.60 -16.09
C ARG A 167 10.67 7.63 -17.16
N GLU A 168 11.88 7.79 -17.67
CA GLU A 168 12.26 6.93 -18.80
C GLU A 168 12.50 5.51 -18.32
N THR A 169 13.05 5.40 -17.12
CA THR A 169 13.33 4.09 -16.55
C THR A 169 12.05 3.32 -16.26
N MET A 170 11.12 3.93 -15.50
CA MET A 170 9.84 3.30 -15.28
C MET A 170 9.28 2.79 -16.60
N SER A 171 9.24 3.67 -17.59
CA SER A 171 8.78 3.28 -18.91
C SER A 171 9.45 2.00 -19.38
N TYR A 172 10.78 1.96 -19.40
CA TYR A 172 11.46 0.72 -19.80
C TYR A 172 10.96 -0.46 -18.97
N LEU A 173 11.05 -0.34 -17.64
CA LEU A 173 10.62 -1.43 -16.78
C LEU A 173 9.18 -1.80 -17.04
N PHE A 174 8.31 -0.79 -17.20
CA PHE A 174 6.89 -1.07 -17.42
C PHE A 174 6.70 -2.00 -18.60
N GLN A 175 7.56 -1.88 -19.61
CA GLN A 175 7.47 -2.72 -20.79
C GLN A 175 7.91 -4.15 -20.54
N HIS A 176 8.54 -4.43 -19.40
CA HIS A 176 8.89 -5.80 -19.04
C HIS A 176 7.97 -6.32 -17.94
N ALA A 177 6.90 -5.60 -17.64
CA ALA A 177 5.97 -5.99 -16.60
C ALA A 177 4.62 -6.29 -17.22
N ASN A 178 3.77 -6.94 -16.44
CA ASN A 178 2.48 -7.38 -16.97
C ASN A 178 1.47 -6.29 -16.69
N LEU A 179 1.23 -5.43 -17.69
CA LEU A 179 0.22 -4.39 -17.60
C LEU A 179 -0.81 -4.57 -18.71
N ASP A 180 -0.95 -5.80 -19.20
CA ASP A 180 -1.88 -6.07 -20.29
C ASP A 180 -3.32 -5.73 -19.91
N SER A 181 -3.71 -6.05 -18.68
CA SER A 181 -5.06 -5.74 -18.24
C SER A 181 -5.37 -4.25 -18.12
N CYS A 182 -4.39 -3.37 -18.30
CA CYS A 182 -4.61 -1.98 -17.97
C CYS A 182 -5.30 -1.26 -19.11
N LYS A 183 -6.29 -0.45 -18.77
CA LYS A 183 -7.06 0.27 -19.76
C LYS A 183 -7.23 1.72 -19.33
N ARG A 184 -7.21 2.61 -20.33
CA ARG A 184 -7.40 4.04 -20.13
C ARG A 184 -8.32 4.53 -21.24
N VAL A 185 -9.36 5.27 -20.87
CA VAL A 185 -10.24 5.91 -21.84
C VAL A 185 -10.20 7.41 -21.64
N LEU A 186 -9.99 8.13 -22.73
CA LEU A 186 -9.89 9.56 -22.74
C LEU A 186 -10.86 10.10 -23.76
N ASN A 187 -11.37 11.28 -23.50
CA ASN A 187 -12.26 11.99 -24.41
C ASN A 187 -11.68 13.38 -24.61
N VAL A 188 -11.70 13.85 -25.86
CA VAL A 188 -11.30 15.19 -26.21
C VAL A 188 -12.51 15.93 -26.79
N VAL A 189 -12.57 17.23 -26.51
CA VAL A 189 -13.76 18.01 -26.83
C VAL A 189 -13.46 19.34 -27.49
N GLY A 194 -17.32 16.49 -32.94
CA GLY A 194 -17.14 17.24 -31.72
C GLY A 194 -16.30 16.56 -30.65
N GLN A 195 -16.83 15.45 -30.12
CA GLN A 195 -16.16 14.66 -29.09
C GLN A 195 -15.43 13.48 -29.71
N GLN A 196 -14.15 13.32 -29.33
CA GLN A 196 -13.26 12.32 -29.94
C GLN A 196 -12.62 11.50 -28.83
N GLN A 197 -13.04 10.26 -28.69
CA GLN A 197 -12.64 9.42 -27.58
C GLN A 197 -11.58 8.41 -28.02
N THR A 198 -10.56 8.22 -27.19
CA THR A 198 -9.49 7.27 -27.45
C THR A 198 -9.39 6.22 -26.34
N THR A 199 -8.92 5.03 -26.71
CA THR A 199 -8.68 3.97 -25.75
C THR A 199 -7.22 3.56 -25.79
N LEU A 200 -6.58 3.54 -24.63
CA LEU A 200 -5.19 3.18 -24.45
C LEU A 200 -5.06 1.88 -23.64
N LYS A 201 -3.95 1.19 -23.83
CA LYS A 201 -3.71 -0.06 -23.13
C LYS A 201 -2.23 -0.19 -22.83
N GLY A 202 -1.92 -1.03 -21.85
CA GLY A 202 -0.54 -1.29 -21.50
C GLY A 202 0.13 -0.14 -20.82
N VAL A 203 1.40 0.13 -21.14
CA VAL A 203 2.10 1.23 -20.48
C VAL A 203 1.47 2.57 -20.79
N GLU A 204 0.91 2.72 -21.98
CA GLU A 204 0.27 3.97 -22.33
C GLU A 204 -0.97 4.22 -21.50
N ALA A 205 -1.52 3.17 -20.89
CA ALA A 205 -2.69 3.38 -20.06
C ALA A 205 -2.34 4.05 -18.74
N VAL A 206 -1.10 3.90 -18.28
CA VAL A 206 -0.81 4.30 -16.91
C VAL A 206 0.10 5.52 -16.83
N MET A 207 0.44 6.13 -17.97
CA MET A 207 1.46 7.18 -17.99
C MET A 207 0.97 8.35 -18.81
N TYR A 208 1.39 9.54 -18.36
CA TYR A 208 0.97 10.79 -18.98
C TYR A 208 2.04 11.83 -18.68
N MET A 209 2.39 12.61 -19.70
CA MET A 209 3.34 13.69 -19.62
C MET A 209 2.60 14.99 -19.89
N GLY A 210 2.71 15.96 -18.97
CA GLY A 210 2.00 17.22 -19.18
C GLY A 210 1.29 17.85 -18.00
N THR A 211 0.96 17.06 -17.02
CA THR A 211 0.46 17.58 -15.78
C THR A 211 0.84 16.60 -14.68
N LEU A 212 1.06 17.17 -13.49
CA LEU A 212 1.35 16.39 -12.31
C LEU A 212 0.10 15.89 -11.60
N SER A 213 -1.09 16.47 -11.88
CA SER A 213 -2.29 16.26 -11.06
C SER A 213 -3.28 15.25 -11.67
N TYR A 214 -3.49 14.14 -10.96
CA TYR A 214 -4.53 13.20 -11.37
C TYR A 214 -5.92 13.86 -11.35
N GLU A 215 -6.15 14.76 -10.41
CA GLU A 215 -7.42 15.48 -10.35
C GLU A 215 -7.63 16.34 -11.59
N GLN A 216 -6.57 17.06 -12.03
CA GLN A 216 -6.69 17.88 -13.24
C GLN A 216 -7.01 17.02 -14.44
N PHE A 217 -6.31 15.90 -14.56
CA PHE A 217 -6.53 14.97 -15.65
C PHE A 217 -7.99 14.55 -15.69
N LYS A 218 -8.59 14.34 -14.50
CA LYS A 218 -10.00 13.97 -14.41
C LYS A 218 -10.92 15.15 -14.69
N LYS A 219 -10.56 16.34 -14.20
CA LYS A 219 -11.41 17.52 -14.38
C LYS A 219 -11.39 17.99 -15.82
N GLY A 220 -10.22 17.97 -16.44
CA GLY A 220 -10.10 18.66 -17.71
C GLY A 220 -8.77 19.37 -17.84
N VAL A 221 -8.06 19.01 -18.90
CA VAL A 221 -6.75 19.56 -19.23
C VAL A 221 -6.88 20.28 -20.57
N GLN A 222 -6.40 21.53 -20.61
CA GLN A 222 -6.27 22.25 -21.88
C GLN A 222 -5.26 21.60 -22.80
N ILE A 223 -5.55 21.60 -24.10
CA ILE A 223 -4.63 21.05 -25.09
C ILE A 223 -4.70 21.86 -26.39
N PRO A 224 -3.81 21.60 -27.36
CA PRO A 224 -3.83 22.32 -28.66
C PRO A 224 -4.89 21.82 -29.64
N ALA A 231 -8.88 23.07 -27.02
CA ALA A 231 -9.74 21.94 -26.65
C ALA A 231 -9.42 21.40 -25.26
N THR A 232 -10.31 20.56 -24.74
CA THR A 232 -10.12 19.98 -23.41
C THR A 232 -10.07 18.46 -23.52
N LYS A 233 -8.99 17.88 -22.99
CA LYS A 233 -8.84 16.43 -22.83
C LYS A 233 -9.17 16.05 -21.38
N TYR A 234 -9.91 14.95 -21.21
CA TYR A 234 -10.25 14.53 -19.85
C TYR A 234 -10.40 13.02 -19.75
N LEU A 235 -10.11 12.52 -18.56
CA LEU A 235 -10.12 11.09 -18.27
C LEU A 235 -11.55 10.58 -18.13
N VAL A 236 -11.91 9.62 -18.97
CA VAL A 236 -13.21 8.98 -18.87
C VAL A 236 -13.16 7.74 -17.98
N GLN A 237 -12.15 6.89 -18.17
CA GLN A 237 -12.06 5.64 -17.44
C GLN A 237 -10.63 5.19 -17.19
N GLN A 238 -10.33 4.82 -15.96
CA GLN A 238 -9.02 4.28 -15.62
C GLN A 238 -9.21 2.89 -15.03
N GLU A 239 -8.54 1.90 -15.63
CA GLU A 239 -8.54 0.53 -15.09
C GLU A 239 -7.07 0.17 -14.95
N SER A 240 -6.50 0.43 -13.78
CA SER A 240 -5.09 0.07 -13.54
C SER A 240 -4.82 0.12 -12.05
N PRO A 241 -3.73 -0.50 -11.60
CA PRO A 241 -3.39 -0.44 -10.17
C PRO A 241 -2.76 0.87 -9.74
N PHE A 242 -2.29 1.69 -10.68
CA PHE A 242 -1.69 2.97 -10.39
C PHE A 242 -1.69 3.75 -11.69
N VAL A 243 -1.46 5.04 -11.59
CA VAL A 243 -1.24 5.90 -12.73
C VAL A 243 -0.03 6.73 -12.34
N MET A 244 0.77 7.11 -13.35
CA MET A 244 2.00 7.88 -13.20
C MET A 244 1.81 9.19 -13.97
N MET A 245 1.75 10.30 -13.24
CA MET A 245 1.55 11.62 -13.83
C MET A 245 2.88 12.35 -13.87
N SER A 246 3.38 12.63 -15.07
CA SER A 246 4.67 13.30 -15.18
C SER A 246 4.51 14.68 -15.81
N ALA A 247 5.55 15.50 -15.68
CA ALA A 247 5.58 16.80 -16.34
C ALA A 247 6.94 17.41 -16.10
N PRO A 248 7.37 18.34 -16.96
CA PRO A 248 8.63 19.00 -16.75
C PRO A 248 8.66 19.56 -15.34
N PRO A 249 9.82 19.59 -14.71
CA PRO A 249 9.91 20.07 -13.33
C PRO A 249 9.29 21.45 -13.11
N ALA A 250 8.54 21.54 -12.01
CA ALA A 250 7.73 22.71 -11.67
C ALA A 250 7.42 22.74 -10.18
N GLN A 251 7.47 23.92 -9.61
CA GLN A 251 7.14 24.11 -8.22
C GLN A 251 5.73 23.57 -7.94
N TYR A 252 5.58 22.83 -6.84
CA TYR A 252 4.37 22.06 -6.60
C TYR A 252 4.12 21.79 -5.12
N GLU A 253 2.89 21.97 -4.72
CA GLU A 253 2.51 21.65 -3.34
C GLU A 253 2.00 20.22 -3.31
N LEU A 254 2.66 19.37 -2.50
CA LEU A 254 2.26 17.98 -2.31
C LEU A 254 1.55 17.87 -0.97
N LYS A 255 0.30 17.41 -1.00
CA LYS A 255 -0.54 17.36 0.20
C LYS A 255 -0.71 15.91 0.65
N HIS A 256 -0.48 15.66 1.94
CA HIS A 256 -0.60 14.33 2.54
C HIS A 256 -1.91 13.66 2.22
N GLY A 257 -1.83 12.36 1.91
CA GLY A 257 -3.00 11.58 1.62
C GLY A 257 -3.52 11.69 0.21
N THR A 258 -3.05 12.68 -0.57
CA THR A 258 -3.53 12.89 -1.92
C THR A 258 -2.67 12.27 -2.99
N PHE A 259 -1.60 11.60 -2.62
CA PHE A 259 -0.82 10.85 -3.60
C PHE A 259 -0.06 9.74 -2.91
N THR A 260 0.51 8.86 -3.72
CA THR A 260 1.30 7.76 -3.18
C THR A 260 2.77 8.14 -2.98
N CYS A 261 3.42 8.60 -4.05
CA CYS A 261 4.77 9.12 -3.93
C CYS A 261 5.05 10.01 -5.13
N ALA A 262 6.22 10.70 -5.08
CA ALA A 262 6.59 11.67 -6.11
C ALA A 262 8.09 11.86 -6.26
N SER A 263 8.49 12.19 -7.48
CA SER A 263 9.90 12.46 -7.82
C SER A 263 10.16 13.96 -7.75
N GLU A 264 11.09 14.35 -6.87
CA GLU A 264 11.64 15.71 -6.87
C GLU A 264 12.94 15.78 -7.67
N TYR A 265 13.01 16.74 -8.57
CA TYR A 265 14.21 17.00 -9.36
C TYR A 265 14.64 18.43 -9.08
N THR A 266 15.86 18.59 -8.61
CA THR A 266 16.46 19.92 -8.50
C THR A 266 17.61 20.00 -9.47
N GLY A 267 17.73 21.07 -10.23
CA GLY A 267 18.85 21.17 -11.12
C GLY A 267 18.47 21.34 -12.55
N ASN A 268 19.43 21.20 -13.43
CA ASN A 268 19.17 21.40 -14.82
C ASN A 268 19.05 20.11 -15.56
N TYR A 269 18.50 20.20 -16.78
CA TYR A 269 18.35 19.09 -17.69
C TYR A 269 19.64 18.25 -17.82
N GLN A 270 19.54 16.97 -17.49
CA GLN A 270 20.55 15.90 -17.55
C GLN A 270 21.76 16.11 -16.63
N CYS A 271 21.60 16.91 -15.59
CA CYS A 271 22.76 17.28 -14.73
C CYS A 271 22.29 17.67 -13.33
N GLY A 272 21.11 17.23 -12.89
CA GLY A 272 20.50 17.60 -11.61
C GLY A 272 20.51 16.44 -10.64
N HIS A 273 19.43 16.39 -9.85
CA HIS A 273 19.36 15.50 -8.70
C HIS A 273 17.92 15.23 -8.29
N TYR A 274 17.64 13.96 -8.04
CA TYR A 274 16.30 13.49 -7.71
C TYR A 274 16.21 13.25 -6.22
N LYS A 275 15.09 13.61 -5.62
CA LYS A 275 14.66 13.08 -4.32
C LYS A 275 13.30 12.40 -4.45
N HIS A 276 12.94 11.58 -3.47
CA HIS A 276 11.68 10.81 -3.46
C HIS A 276 10.79 11.26 -2.31
N ILE A 277 9.55 11.58 -2.62
CA ILE A 277 8.59 11.96 -1.58
C ILE A 277 7.53 10.86 -1.45
N THR A 278 7.24 10.41 -0.23
CA THR A 278 6.25 9.34 0.04
C THR A 278 5.19 9.84 0.98
N SER A 279 3.91 9.70 0.64
CA SER A 279 2.80 10.02 1.58
C SER A 279 2.51 8.76 2.39
N LYS A 280 2.87 8.73 3.66
CA LYS A 280 2.61 7.58 4.55
C LYS A 280 1.75 8.11 5.70
N GLU A 281 2.25 8.22 6.93
CA GLU A 281 1.52 8.84 8.07
C GLU A 281 1.70 10.34 7.92
N THR A 282 2.74 10.75 7.19
CA THR A 282 3.07 12.16 6.94
C THR A 282 3.87 12.15 5.65
N LEU A 283 4.32 13.31 5.19
CA LEU A 283 5.15 13.40 3.96
C LEU A 283 6.59 13.10 4.37
N TYR A 284 7.26 12.20 3.68
CA TYR A 284 8.64 11.82 3.93
C TYR A 284 9.47 12.18 2.71
N CYS A 285 10.61 12.77 2.94
CA CYS A 285 11.56 13.03 1.86
C CYS A 285 12.74 12.07 2.02
N ILE A 286 12.79 11.01 1.21
CA ILE A 286 13.91 10.03 1.24
C ILE A 286 14.98 10.50 0.24
N ASP A 287 16.06 11.10 0.73
CA ASP A 287 17.17 11.58 -0.12
C ASP A 287 18.31 10.58 0.05
N GLY A 288 18.27 9.50 -0.72
CA GLY A 288 19.24 8.42 -0.56
C GLY A 288 19.21 7.91 0.87
N ALA A 289 20.31 8.02 1.60
CA ALA A 289 20.42 7.52 2.98
C ALA A 289 19.82 8.53 3.97
N LEU A 290 19.59 9.76 3.50
CA LEU A 290 19.08 10.84 4.38
C LEU A 290 17.55 10.81 4.37
N LEU A 291 16.93 11.23 5.47
CA LEU A 291 15.47 11.26 5.58
C LEU A 291 15.00 12.48 6.38
N THR A 292 14.11 13.28 5.82
CA THR A 292 13.44 14.36 6.55
C THR A 292 11.91 14.18 6.55
N LYS A 293 11.26 14.86 7.49
CA LYS A 293 9.82 14.72 7.67
C LYS A 293 9.19 16.10 7.73
N SER A 294 8.12 16.28 6.97
CA SER A 294 7.35 17.51 6.98
C SER A 294 5.89 17.16 6.71
N SER A 295 4.98 17.91 7.34
CA SER A 295 3.55 17.70 7.14
C SER A 295 3.08 18.23 5.79
N GLU A 296 3.66 19.36 5.35
CA GLU A 296 3.44 19.88 4.01
C GLU A 296 4.77 19.92 3.26
N TYR A 297 4.70 19.75 1.95
CA TYR A 297 5.89 19.77 1.11
C TYR A 297 5.62 20.63 -0.10
N LYS A 298 6.62 21.42 -0.50
CA LYS A 298 6.54 22.25 -1.69
C LYS A 298 7.95 22.31 -2.28
N GLY A 299 8.03 22.07 -3.57
CA GLY A 299 9.28 21.82 -4.22
C GLY A 299 9.10 21.58 -5.69
N PRO A 300 10.22 21.36 -6.34
CA PRO A 300 10.20 21.07 -7.78
C PRO A 300 9.93 19.60 -8.08
N ILE A 301 8.78 19.30 -8.68
CA ILE A 301 8.30 17.93 -8.83
C ILE A 301 8.19 17.65 -10.32
N THR A 302 8.43 16.40 -10.70
CA THR A 302 8.27 16.00 -12.09
C THR A 302 7.53 14.68 -12.27
N ASP A 303 7.45 13.84 -11.24
CA ASP A 303 6.59 12.67 -11.34
C ASP A 303 5.76 12.52 -10.08
N VAL A 304 4.49 12.19 -10.26
CA VAL A 304 3.64 11.81 -9.13
C VAL A 304 2.92 10.51 -9.43
N PHE A 305 2.90 9.63 -8.45
CA PHE A 305 2.18 8.37 -8.55
C PHE A 305 0.94 8.37 -7.67
N TYR A 306 -0.13 7.81 -8.22
CA TYR A 306 -1.37 7.64 -7.48
C TYR A 306 -1.87 6.22 -7.65
N LYS A 307 -2.26 5.58 -6.53
CA LYS A 307 -2.79 4.24 -6.61
C LYS A 307 -4.18 4.30 -7.26
N GLU A 308 -4.67 3.19 -7.79
CA GLU A 308 -5.95 3.17 -8.50
C GLU A 308 -6.50 1.76 -8.54
N ASN A 309 -7.77 1.60 -8.82
CA ASN A 309 -8.31 0.31 -9.11
C ASN A 309 -9.18 0.52 -10.31
N SER A 310 -10.27 1.25 -10.17
CA SER A 310 -11.17 1.50 -11.26
C SER A 310 -11.79 2.86 -11.02
N TYR A 311 -11.76 3.72 -12.03
CA TYR A 311 -12.33 5.04 -11.95
C TYR A 311 -13.15 5.34 -13.21
N THR A 312 -14.34 5.90 -13.06
CA THR A 312 -15.21 6.29 -14.16
C THR A 312 -15.68 7.70 -13.92
N THR A 313 -15.52 8.55 -14.93
CA THR A 313 -15.93 9.94 -14.82
C THR A 313 -17.43 10.08 -14.57
N THR A 314 -17.82 11.20 -13.98
CA THR A 314 -19.24 11.56 -13.90
C THR A 314 -19.64 12.60 -14.92
N ILE A 315 -18.63 13.22 -15.55
CA ILE A 315 -18.89 14.22 -16.64
C ILE A 315 -19.84 13.57 -17.66
N LYS A 316 -20.91 14.26 -18.02
CA LYS A 316 -21.87 13.73 -19.04
C LYS A 316 -21.09 13.34 -20.30
N GLU B 2 -31.74 44.99 3.62
CA GLU B 2 -32.82 43.97 3.76
C GLU B 2 -32.46 42.67 4.54
N VAL B 3 -32.99 42.48 5.76
CA VAL B 3 -32.59 41.37 6.63
C VAL B 3 -33.50 40.18 6.35
N ARG B 4 -32.94 39.09 5.81
CA ARG B 4 -33.72 37.88 5.57
C ARG B 4 -33.37 36.79 6.58
N THR B 5 -34.36 35.93 6.88
CA THR B 5 -34.19 34.84 7.82
C THR B 5 -34.63 33.49 7.25
N ILE B 6 -33.93 32.45 7.69
CA ILE B 6 -34.24 31.05 7.40
C ILE B 6 -34.28 30.30 8.73
N LYS B 7 -35.16 29.31 8.84
CA LYS B 7 -35.14 28.38 9.96
C LYS B 7 -34.37 27.11 9.64
N VAL B 8 -33.48 26.72 10.57
CA VAL B 8 -32.78 25.46 10.48
C VAL B 8 -32.71 24.83 11.86
N PHE B 9 -32.25 23.58 11.87
CA PHE B 9 -31.88 22.91 13.10
C PHE B 9 -30.36 22.74 13.15
N THR B 10 -29.81 22.85 14.35
CA THR B 10 -28.46 22.42 14.63
C THR B 10 -28.48 21.22 15.56
N THR B 11 -27.34 20.55 15.61
CA THR B 11 -27.19 19.29 16.31
C THR B 11 -25.71 18.95 16.40
N VAL B 12 -25.40 18.10 17.37
CA VAL B 12 -24.10 17.45 17.40
C VAL B 12 -24.19 15.96 17.16
N ASP B 13 -25.39 15.39 17.20
CA ASP B 13 -25.58 13.95 17.21
C ASP B 13 -26.66 13.46 16.25
N ASN B 14 -27.37 14.38 15.60
CA ASN B 14 -28.51 14.09 14.72
C ASN B 14 -29.65 13.34 15.42
N ILE B 15 -29.72 13.38 16.75
CA ILE B 15 -30.87 12.89 17.48
C ILE B 15 -31.61 14.04 18.18
N ASN B 16 -30.87 14.93 18.81
CA ASN B 16 -31.38 16.15 19.40
C ASN B 16 -31.21 17.33 18.46
N LEU B 17 -32.30 17.76 17.88
CA LEU B 17 -32.33 18.88 16.98
C LEU B 17 -32.75 20.16 17.71
N HIS B 18 -32.06 21.25 17.40
CA HIS B 18 -32.35 22.53 18.01
C HIS B 18 -32.62 23.54 16.91
N THR B 19 -33.80 24.15 16.96
CA THR B 19 -34.18 25.09 15.92
C THR B 19 -33.39 26.39 16.02
N GLN B 20 -33.02 26.90 14.86
CA GLN B 20 -32.20 28.11 14.82
C GLN B 20 -32.76 29.01 13.75
N VAL B 21 -32.67 30.31 13.98
CA VAL B 21 -32.97 31.32 12.97
C VAL B 21 -31.65 31.92 12.54
N VAL B 22 -31.37 31.83 11.25
CA VAL B 22 -30.12 32.31 10.69
C VAL B 22 -30.43 33.54 9.87
N ASP B 23 -29.70 34.62 10.17
CA ASP B 23 -29.62 35.77 9.29
C ASP B 23 -29.07 35.33 7.94
N MET B 24 -29.85 35.57 6.90
CA MET B 24 -29.38 35.17 5.58
C MET B 24 -28.25 36.03 5.11
N SER B 25 -27.78 36.98 5.92
CA SER B 25 -26.75 37.92 5.51
C SER B 25 -25.38 37.60 6.07
N MET B 26 -25.31 36.87 7.19
CA MET B 26 -24.04 36.51 7.79
C MET B 26 -23.61 35.14 7.31
N THR B 27 -22.37 34.76 7.64
CA THR B 27 -22.00 33.38 7.40
C THR B 27 -22.46 32.51 8.58
N TYR B 28 -22.59 31.23 8.29
CA TYR B 28 -22.82 30.24 9.33
C TYR B 28 -21.78 30.34 10.43
N GLY B 29 -20.51 30.40 10.07
CA GLY B 29 -19.49 30.62 11.07
C GLY B 29 -19.80 31.81 11.94
N GLN B 30 -20.28 32.90 11.33
CA GLN B 30 -20.58 34.10 12.09
C GLN B 30 -21.73 33.91 13.06
N GLN B 31 -22.61 32.92 12.86
CA GLN B 31 -23.77 32.74 13.72
C GLN B 31 -23.70 31.52 14.62
N PHE B 32 -23.05 30.45 14.17
CA PHE B 32 -22.95 29.21 14.95
C PHE B 32 -21.53 28.84 15.34
N GLY B 33 -20.54 29.43 14.68
CA GLY B 33 -19.21 28.92 14.71
C GLY B 33 -19.05 27.94 13.58
N PRO B 34 -18.05 27.09 13.69
CA PRO B 34 -17.87 26.00 12.71
C PRO B 34 -19.14 25.20 12.51
N THR B 35 -19.47 24.94 11.24
CA THR B 35 -20.78 24.44 10.84
C THR B 35 -20.62 23.56 9.63
N TYR B 36 -21.29 22.42 9.65
CA TYR B 36 -21.23 21.52 8.51
C TYR B 36 -22.61 21.05 8.10
N LEU B 37 -22.71 20.68 6.82
CA LEU B 37 -23.93 20.13 6.23
C LEU B 37 -23.52 18.89 5.47
N ASP B 38 -24.00 17.73 5.93
CA ASP B 38 -23.58 16.41 5.45
C ASP B 38 -22.08 16.36 5.20
N GLY B 39 -21.31 16.80 6.18
CA GLY B 39 -19.89 16.81 6.04
C GLY B 39 -19.31 17.99 5.30
N ALA B 40 -20.05 18.57 4.35
CA ALA B 40 -19.56 19.78 3.67
C ALA B 40 -19.50 20.96 4.64
N ASP B 41 -18.30 21.46 4.90
CA ASP B 41 -18.14 22.64 5.72
C ASP B 41 -18.85 23.81 5.06
N VAL B 42 -19.59 24.59 5.87
CA VAL B 42 -20.38 25.72 5.38
C VAL B 42 -20.07 26.97 6.21
N THR B 43 -19.04 26.90 7.04
CA THR B 43 -18.75 27.96 7.98
C THR B 43 -18.66 29.34 7.31
N LYS B 44 -18.02 29.42 6.15
CA LYS B 44 -17.78 30.68 5.47
C LYS B 44 -18.80 30.94 4.36
N ILE B 45 -19.86 30.14 4.30
CA ILE B 45 -20.93 30.35 3.35
C ILE B 45 -22.10 30.98 4.10
N LYS B 46 -23.07 31.46 3.37
CA LYS B 46 -24.18 32.19 3.92
C LYS B 46 -25.48 31.46 3.61
N PRO B 47 -26.44 31.48 4.52
CA PRO B 47 -27.63 30.66 4.33
C PRO B 47 -28.24 30.80 2.94
N HIS B 48 -28.71 29.67 2.41
CA HIS B 48 -29.43 29.57 1.14
C HIS B 48 -30.89 29.31 1.47
N ASN B 49 -31.78 29.78 0.61
CA ASN B 49 -33.18 29.37 0.69
C ASN B 49 -33.29 27.86 0.84
N SER B 50 -32.64 27.11 -0.05
CA SER B 50 -32.66 25.66 0.00
C SER B 50 -32.29 25.11 1.37
N HIS B 51 -31.60 25.85 2.20
CA HIS B 51 -31.27 25.44 3.54
C HIS B 51 -32.42 25.40 4.55
N GLU B 52 -33.59 25.96 4.25
CA GLU B 52 -34.67 25.95 5.23
C GLU B 52 -35.08 24.52 5.58
N GLY B 53 -35.19 24.26 6.88
CA GLY B 53 -35.61 22.98 7.40
C GLY B 53 -34.49 21.99 7.65
N LYS B 54 -33.34 22.22 7.05
CA LYS B 54 -32.28 21.22 7.03
C LYS B 54 -31.52 21.22 8.34
N THR B 55 -30.80 20.12 8.56
CA THR B 55 -30.03 19.91 9.78
C THR B 55 -28.57 20.24 9.53
N PHE B 56 -27.91 20.81 10.53
CA PHE B 56 -26.55 21.30 10.40
C PHE B 56 -25.79 20.86 11.63
N TYR B 57 -24.65 20.23 11.42
CA TYR B 57 -23.74 19.89 12.51
C TYR B 57 -22.94 21.15 12.89
N VAL B 58 -22.88 21.45 14.19
CA VAL B 58 -22.09 22.54 14.73
C VAL B 58 -21.21 21.96 15.83
N LEU B 59 -20.37 22.77 16.35
CA LEU B 59 -19.52 22.24 17.41
C LEU B 59 -20.12 22.56 18.77
N PRO B 60 -19.83 21.72 19.75
CA PRO B 60 -20.39 21.95 21.08
C PRO B 60 -19.82 23.23 21.66
N ASN B 61 -20.57 24.31 21.52
CA ASN B 61 -20.21 25.62 22.07
C ASN B 61 -20.75 25.83 23.48
N ASP B 62 -21.79 25.09 23.88
CA ASP B 62 -22.44 25.26 25.17
C ASP B 62 -22.49 23.94 25.93
N ASP B 63 -22.75 24.02 27.23
CA ASP B 63 -22.71 22.82 28.06
C ASP B 63 -23.80 21.80 27.67
N THR B 64 -24.84 22.23 26.97
CA THR B 64 -25.86 21.28 26.54
C THR B 64 -25.33 20.42 25.41
N LEU B 65 -24.83 21.06 24.34
CA LEU B 65 -24.29 20.32 23.20
C LEU B 65 -23.03 19.55 23.57
N ARG B 66 -22.28 20.06 24.52
CA ARG B 66 -21.17 19.30 25.07
C ARG B 66 -21.67 17.97 25.60
N VAL B 67 -22.72 18.02 26.42
CA VAL B 67 -23.23 16.79 27.03
C VAL B 67 -23.82 15.88 25.97
N GLU B 68 -24.53 16.44 25.00
CA GLU B 68 -25.11 15.59 23.98
C GLU B 68 -24.02 14.94 23.14
N ALA B 69 -22.91 15.63 22.98
CA ALA B 69 -21.85 15.12 22.12
C ALA B 69 -21.06 14.03 22.83
N PHE B 70 -20.81 14.21 24.11
CA PHE B 70 -20.13 13.17 24.87
C PHE B 70 -21.00 11.94 25.02
N GLU B 71 -22.28 12.13 25.30
CA GLU B 71 -23.16 10.98 25.42
C GLU B 71 -23.18 10.21 24.11
N TYR B 72 -22.92 10.90 22.99
CA TYR B 72 -23.09 10.20 21.72
C TYR B 72 -21.80 9.55 21.20
N TYR B 73 -20.67 10.23 21.38
CA TYR B 73 -19.42 9.80 20.78
C TYR B 73 -18.45 9.23 21.81
N HIS B 74 -18.73 9.41 23.09
CA HIS B 74 -17.86 8.95 24.16
C HIS B 74 -16.47 9.51 24.00
N THR B 75 -16.41 10.79 23.68
CA THR B 75 -15.14 11.47 23.51
C THR B 75 -15.39 12.95 23.78
N THR B 76 -14.39 13.60 24.38
CA THR B 76 -14.39 15.04 24.56
C THR B 76 -13.34 15.73 23.70
N ASP B 77 -12.74 15.02 22.77
CA ASP B 77 -11.71 15.62 21.92
C ASP B 77 -12.36 16.66 21.03
N PRO B 78 -12.00 17.93 21.15
CA PRO B 78 -12.74 18.97 20.40
C PRO B 78 -12.55 18.90 18.91
N SER B 79 -11.54 18.21 18.43
CA SER B 79 -11.37 18.09 16.99
C SER B 79 -12.23 17.01 16.39
N PHE B 80 -12.86 16.17 17.24
CA PHE B 80 -13.48 14.95 16.73
C PHE B 80 -14.52 15.31 15.68
N LEU B 81 -15.40 16.26 16.00
CA LEU B 81 -16.60 16.44 15.19
C LEU B 81 -16.24 16.92 13.80
N GLY B 82 -15.25 17.80 13.71
CA GLY B 82 -14.87 18.33 12.41
C GLY B 82 -14.06 17.36 11.58
N ARG B 83 -13.33 16.43 12.24
CA ARG B 83 -12.61 15.39 11.51
C ARG B 83 -13.60 14.36 10.97
N TYR B 84 -14.57 13.97 11.80
CA TYR B 84 -15.67 13.13 11.35
C TYR B 84 -16.38 13.78 10.17
N MET B 85 -16.72 15.06 10.30
CA MET B 85 -17.42 15.69 9.19
C MET B 85 -16.56 15.68 7.94
N SER B 86 -15.24 15.87 8.09
CA SER B 86 -14.31 15.88 6.97
C SER B 86 -14.25 14.55 6.28
N ALA B 87 -14.03 13.51 7.05
CA ALA B 87 -14.08 12.15 6.49
C ALA B 87 -15.41 11.89 5.81
N LEU B 88 -16.52 12.27 6.45
CA LEU B 88 -17.82 11.95 5.89
C LEU B 88 -18.04 12.67 4.58
N ASN B 89 -17.46 13.89 4.43
CA ASN B 89 -17.51 14.55 3.15
C ASN B 89 -16.98 13.69 2.02
N HIS B 90 -16.00 12.83 2.31
CA HIS B 90 -15.50 11.86 1.34
C HIS B 90 -16.27 10.55 1.36
N THR B 91 -16.41 9.94 2.56
CA THR B 91 -16.92 8.56 2.61
C THR B 91 -18.30 8.47 2.01
N LYS B 92 -19.04 9.58 2.06
CA LYS B 92 -20.35 9.66 1.43
C LYS B 92 -20.26 9.53 -0.07
N LYS B 93 -19.09 9.73 -0.66
CA LYS B 93 -18.94 9.55 -2.10
C LYS B 93 -18.50 8.13 -2.48
N TRP B 94 -17.96 7.37 -1.54
CA TRP B 94 -17.64 5.98 -1.81
C TRP B 94 -18.89 5.19 -2.19
N LYS B 95 -18.65 4.10 -2.90
CA LYS B 95 -19.69 3.12 -3.20
C LYS B 95 -19.53 1.92 -2.26
N TYR B 96 -20.64 1.52 -1.64
CA TYR B 96 -20.61 0.36 -0.75
C TYR B 96 -21.38 -0.81 -1.35
N PRO B 97 -20.78 -1.54 -2.27
CA PRO B 97 -21.48 -2.68 -2.86
C PRO B 97 -21.70 -3.81 -1.86
N GLN B 98 -22.77 -4.54 -2.09
CA GLN B 98 -22.99 -5.84 -1.45
C GLN B 98 -22.23 -6.83 -2.31
N VAL B 99 -21.31 -7.54 -1.68
CA VAL B 99 -20.48 -8.55 -2.30
C VAL B 99 -20.64 -9.73 -1.38
N ASN B 100 -21.14 -10.83 -1.90
CA ASN B 100 -21.21 -12.01 -1.06
C ASN B 100 -22.06 -11.76 0.17
N GLY B 101 -23.13 -10.98 0.03
CA GLY B 101 -24.06 -10.82 1.13
C GLY B 101 -23.51 -10.02 2.29
N LEU B 102 -22.42 -9.32 2.08
CA LEU B 102 -21.84 -8.47 3.09
C LEU B 102 -21.57 -7.10 2.48
N THR B 103 -21.44 -6.10 3.32
CA THR B 103 -21.29 -4.76 2.81
C THR B 103 -19.80 -4.49 2.65
N SER B 104 -19.38 -4.13 1.44
CA SER B 104 -17.98 -3.87 1.16
C SER B 104 -17.82 -2.39 0.89
N ILE B 105 -16.68 -2.03 0.30
CA ILE B 105 -16.39 -0.70 -0.16
C ILE B 105 -15.61 -0.85 -1.44
N LYS B 106 -16.03 -0.16 -2.50
CA LYS B 106 -15.20 -0.06 -3.69
C LYS B 106 -13.95 0.78 -3.42
N TRP B 107 -12.82 0.31 -3.94
CA TRP B 107 -11.54 0.91 -3.59
C TRP B 107 -11.56 2.40 -3.89
N ALA B 108 -10.97 3.18 -2.98
CA ALA B 108 -10.82 4.62 -3.09
C ALA B 108 -9.96 5.08 -1.95
N ASP B 109 -9.10 6.05 -2.22
CA ASP B 109 -8.27 6.70 -1.23
C ASP B 109 -7.66 5.74 -0.22
N ASN B 110 -7.10 4.64 -0.73
CA ASN B 110 -6.50 3.58 0.08
C ASN B 110 -7.39 3.08 1.21
N ASN B 111 -8.68 2.90 0.91
CA ASN B 111 -9.59 2.41 1.94
C ASN B 111 -9.63 0.87 2.04
N SER B 112 -8.71 0.15 1.37
CA SER B 112 -8.76 -1.32 1.41
C SER B 112 -8.72 -1.82 2.84
N TYR B 113 -8.02 -1.12 3.73
CA TYR B 113 -8.01 -1.55 5.11
C TYR B 113 -9.38 -1.36 5.75
N LEU B 114 -10.06 -0.25 5.48
CA LEU B 114 -11.34 -0.02 6.10
C LEU B 114 -12.34 -1.07 5.65
N ALA B 115 -12.32 -1.41 4.35
CA ALA B 115 -13.23 -2.41 3.81
C ALA B 115 -13.03 -3.77 4.52
N THR B 116 -11.77 -4.18 4.67
CA THR B 116 -11.46 -5.44 5.32
C THR B 116 -11.91 -5.45 6.75
N ALA B 117 -11.82 -4.31 7.43
CA ALA B 117 -12.33 -4.23 8.79
C ALA B 117 -13.87 -4.20 8.80
N LEU B 118 -14.47 -3.54 7.84
CA LEU B 118 -15.92 -3.50 7.78
C LEU B 118 -16.46 -4.89 7.50
N LEU B 119 -15.84 -5.60 6.55
CA LEU B 119 -16.20 -6.98 6.31
C LEU B 119 -16.00 -7.81 7.56
N THR B 120 -14.84 -7.66 8.17
CA THR B 120 -14.60 -8.47 9.36
C THR B 120 -15.64 -8.18 10.42
N LEU B 121 -16.00 -6.90 10.59
CA LEU B 121 -16.87 -6.53 11.69
C LEU B 121 -18.30 -7.03 11.48
N GLN B 122 -18.71 -7.27 10.25
CA GLN B 122 -19.98 -7.90 9.99
C GLN B 122 -19.96 -9.41 10.33
N GLN B 123 -18.82 -9.97 10.70
CA GLN B 123 -18.67 -11.39 10.86
C GLN B 123 -18.36 -11.77 12.29
N ILE B 124 -18.11 -10.80 13.16
CA ILE B 124 -17.84 -11.13 14.54
C ILE B 124 -18.75 -10.31 15.45
N GLU B 125 -18.91 -10.82 16.66
CA GLU B 125 -19.92 -10.35 17.60
C GLU B 125 -19.29 -9.22 18.43
N LEU B 126 -19.65 -7.97 18.11
CA LEU B 126 -19.12 -6.81 18.81
C LEU B 126 -20.22 -5.85 19.25
N LYS B 127 -20.27 -5.58 20.55
CA LYS B 127 -21.22 -4.62 21.09
C LYS B 127 -20.47 -3.32 21.34
N PHE B 128 -20.84 -2.30 20.58
CA PHE B 128 -20.21 -0.99 20.70
C PHE B 128 -20.85 -0.20 21.82
N ASN B 129 -20.05 0.55 22.53
CA ASN B 129 -20.62 1.38 23.58
C ASN B 129 -20.96 2.80 23.17
N PRO B 130 -20.19 3.51 22.36
CA PRO B 130 -20.68 4.80 21.84
C PRO B 130 -21.90 4.57 20.98
N PRO B 131 -23.00 5.22 21.30
CA PRO B 131 -24.16 5.16 20.40
C PRO B 131 -23.85 5.45 18.95
N ALA B 132 -23.05 6.49 18.66
CA ALA B 132 -22.74 6.83 17.28
C ALA B 132 -22.26 5.59 16.51
N LEU B 133 -21.38 4.82 17.15
CA LEU B 133 -20.86 3.60 16.55
C LEU B 133 -22.00 2.59 16.35
N GLN B 134 -22.81 2.40 17.40
CA GLN B 134 -23.95 1.47 17.31
C GLN B 134 -24.83 1.83 16.11
N ASP B 135 -25.27 3.10 16.05
CA ASP B 135 -26.21 3.47 15.01
C ASP B 135 -25.59 3.34 13.63
N ALA B 136 -24.30 3.70 13.52
CA ALA B 136 -23.57 3.59 12.26
C ALA B 136 -23.32 2.13 11.90
N TYR B 137 -23.04 1.30 12.90
CA TYR B 137 -22.79 -0.09 12.54
C TYR B 137 -24.03 -0.73 11.92
N TYR B 138 -25.23 -0.42 12.44
CA TYR B 138 -26.43 -1.09 11.95
C TYR B 138 -26.85 -0.57 10.58
N ARG B 139 -26.62 0.72 10.32
CA ARG B 139 -26.83 1.21 8.96
C ARG B 139 -25.88 0.52 8.00
N ALA B 140 -24.64 0.30 8.43
CA ALA B 140 -23.64 -0.25 7.53
C ALA B 140 -23.97 -1.72 7.20
N ARG B 141 -24.40 -2.50 8.20
CA ARG B 141 -24.92 -3.84 7.92
C ARG B 141 -25.98 -3.80 6.84
N ALA B 142 -26.85 -2.79 6.92
CA ALA B 142 -27.94 -2.62 5.96
C ALA B 142 -27.48 -2.14 4.59
N GLY B 143 -26.28 -1.56 4.49
CA GLY B 143 -25.72 -1.27 3.19
C GLY B 143 -25.21 0.14 3.05
N GLU B 144 -25.40 0.97 4.08
CA GLU B 144 -25.01 2.38 4.06
C GLU B 144 -24.01 2.57 5.20
N ALA B 145 -22.73 2.61 4.86
CA ALA B 145 -21.66 2.58 5.84
C ALA B 145 -20.83 3.84 5.80
N ALA B 146 -21.26 4.83 5.03
CA ALA B 146 -20.53 6.11 5.01
C ALA B 146 -20.28 6.65 6.42
N ASN B 147 -21.31 6.61 7.29
CA ASN B 147 -21.12 7.22 8.62
C ASN B 147 -20.22 6.37 9.52
N PHE B 148 -20.34 5.05 9.42
CA PHE B 148 -19.47 4.16 10.16
C PHE B 148 -18.02 4.33 9.73
N CYS B 149 -17.78 4.34 8.42
CA CYS B 149 -16.41 4.53 7.94
C CYS B 149 -15.86 5.88 8.38
N ALA B 150 -16.70 6.92 8.28
CA ALA B 150 -16.25 8.25 8.67
C ALA B 150 -15.99 8.32 10.16
N LEU B 151 -16.78 7.59 10.95
CA LEU B 151 -16.55 7.54 12.38
C LEU B 151 -15.26 6.77 12.70
N ILE B 152 -15.05 5.66 12.00
CA ILE B 152 -13.85 4.87 12.23
C ILE B 152 -12.62 5.71 11.97
N LEU B 153 -12.62 6.45 10.87
CA LEU B 153 -11.48 7.31 10.57
C LEU B 153 -11.29 8.35 11.67
N ALA B 154 -12.41 8.91 12.17
CA ALA B 154 -12.35 9.91 13.22
C ALA B 154 -11.76 9.33 14.50
N TYR B 155 -12.27 8.17 14.92
CA TYR B 155 -11.80 7.63 16.20
C TYR B 155 -10.33 7.26 16.08
N CYS B 156 -9.93 6.74 14.93
CA CYS B 156 -8.56 6.29 14.73
C CYS B 156 -7.62 7.41 14.31
N ASN B 157 -8.13 8.62 14.13
CA ASN B 157 -7.29 9.76 13.78
C ASN B 157 -6.59 9.53 12.45
N LYS B 158 -7.38 9.25 11.41
CA LYS B 158 -6.81 8.91 10.12
C LYS B 158 -7.42 9.79 9.03
N THR B 159 -6.55 10.21 8.12
CA THR B 159 -6.97 11.04 7.00
C THR B 159 -7.40 10.16 5.85
N VAL B 160 -8.43 10.60 5.14
CA VAL B 160 -8.77 10.01 3.86
C VAL B 160 -7.55 10.07 2.95
N GLY B 161 -7.25 8.95 2.35
CA GLY B 161 -6.09 8.76 1.52
C GLY B 161 -4.93 8.06 2.20
N GLU B 162 -4.89 8.07 3.53
CA GLU B 162 -3.88 7.37 4.31
C GLU B 162 -4.21 5.88 4.46
N LEU B 163 -3.32 5.01 3.99
CA LEU B 163 -3.50 3.58 4.24
C LEU B 163 -3.21 3.30 5.72
N GLY B 164 -4.19 2.74 6.42
CA GLY B 164 -4.01 2.35 7.80
C GLY B 164 -3.79 0.84 7.93
N ASP B 165 -3.45 0.44 9.14
CA ASP B 165 -3.16 -0.94 9.49
C ASP B 165 -4.37 -1.57 10.19
N VAL B 166 -4.78 -2.74 9.72
CA VAL B 166 -6.07 -3.28 10.12
C VAL B 166 -6.07 -3.73 11.57
N ARG B 167 -5.08 -4.51 11.97
CA ARG B 167 -4.92 -4.85 13.38
C ARG B 167 -5.04 -3.62 14.27
N GLU B 168 -4.53 -2.48 13.82
CA GLU B 168 -4.53 -1.31 14.70
C GLU B 168 -5.92 -0.71 14.80
N THR B 169 -6.61 -0.66 13.67
CA THR B 169 -7.98 -0.18 13.62
C THR B 169 -8.85 -1.04 14.53
N MET B 170 -8.83 -2.35 14.30
CA MET B 170 -9.57 -3.29 15.12
C MET B 170 -9.35 -2.99 16.60
N SER B 171 -8.08 -2.84 16.99
CA SER B 171 -7.78 -2.67 18.40
C SER B 171 -8.38 -1.37 18.91
N TYR B 172 -8.40 -0.32 18.09
CA TYR B 172 -9.01 0.94 18.51
C TYR B 172 -10.50 0.73 18.71
N LEU B 173 -11.16 0.15 17.71
CA LEU B 173 -12.58 -0.14 17.84
C LEU B 173 -12.84 -1.04 19.02
N PHE B 174 -12.02 -2.10 19.20
CA PHE B 174 -12.27 -3.04 20.29
C PHE B 174 -12.36 -2.31 21.62
N GLN B 175 -11.58 -1.24 21.77
CA GLN B 175 -11.56 -0.42 22.98
C GLN B 175 -12.82 0.41 23.18
N HIS B 176 -13.64 0.57 22.15
CA HIS B 176 -14.91 1.24 22.28
C HIS B 176 -16.06 0.26 22.37
N ALA B 177 -15.75 -1.02 22.52
CA ALA B 177 -16.78 -2.05 22.52
C ALA B 177 -16.75 -2.77 23.86
N ASN B 178 -17.83 -3.48 24.13
CA ASN B 178 -17.96 -4.18 25.39
C ASN B 178 -17.26 -5.51 25.22
N LEU B 179 -16.03 -5.59 25.73
CA LEU B 179 -15.28 -6.84 25.82
C LEU B 179 -14.97 -7.20 27.27
N ASP B 180 -15.77 -6.72 28.21
CA ASP B 180 -15.44 -6.88 29.62
C ASP B 180 -15.56 -8.33 30.07
N SER B 181 -16.55 -9.06 29.56
CA SER B 181 -16.64 -10.46 29.96
C SER B 181 -15.45 -11.30 29.49
N CYS B 182 -14.63 -10.80 28.57
CA CYS B 182 -13.67 -11.67 27.89
C CYS B 182 -12.49 -11.99 28.78
N LYS B 183 -12.16 -13.27 28.87
CA LYS B 183 -11.05 -13.73 29.70
C LYS B 183 -10.11 -14.59 28.88
N ARG B 184 -8.80 -14.44 29.13
CA ARG B 184 -7.78 -15.28 28.50
C ARG B 184 -6.78 -15.72 29.56
N VAL B 185 -6.38 -16.98 29.50
CA VAL B 185 -5.45 -17.53 30.48
C VAL B 185 -4.33 -18.24 29.75
N LEU B 186 -3.09 -17.86 30.06
CA LEU B 186 -1.91 -18.37 29.42
C LEU B 186 -1.00 -18.93 30.49
N ASN B 187 -0.13 -19.84 30.05
CA ASN B 187 0.85 -20.46 30.93
C ASN B 187 2.13 -20.60 30.13
N VAL B 188 3.25 -20.23 30.75
CA VAL B 188 4.57 -20.37 30.14
C VAL B 188 5.36 -21.42 30.91
N VAL B 189 6.23 -22.12 30.19
CA VAL B 189 6.95 -23.26 30.74
C VAL B 189 8.44 -23.14 30.54
N GLN B 195 4.21 -23.28 35.63
CA GLN B 195 5.33 -22.41 35.91
C GLN B 195 4.83 -20.99 36.18
N GLN B 196 4.49 -20.29 35.11
CA GLN B 196 4.09 -18.89 35.21
C GLN B 196 2.78 -18.69 34.44
N GLN B 197 1.68 -18.60 35.18
CA GLN B 197 0.36 -18.37 34.62
C GLN B 197 -0.02 -16.90 34.76
N THR B 198 -0.65 -16.36 33.71
CA THR B 198 -1.18 -15.00 33.73
C THR B 198 -2.62 -14.99 33.23
N THR B 199 -3.35 -13.92 33.57
CA THR B 199 -4.75 -13.77 33.17
C THR B 199 -4.92 -12.43 32.49
N LEU B 200 -5.23 -12.44 31.20
CA LEU B 200 -5.56 -11.25 30.44
C LEU B 200 -7.07 -11.01 30.43
N LYS B 201 -7.46 -9.76 30.17
CA LYS B 201 -8.88 -9.47 30.10
C LYS B 201 -9.14 -8.36 29.09
N GLY B 202 -10.41 -8.25 28.71
CA GLY B 202 -10.80 -7.22 27.77
C GLY B 202 -10.21 -7.46 26.40
N VAL B 203 -9.74 -6.39 25.78
CA VAL B 203 -9.22 -6.50 24.42
C VAL B 203 -7.88 -7.22 24.38
N GLU B 204 -7.15 -7.25 25.48
CA GLU B 204 -5.97 -8.09 25.54
C GLU B 204 -6.33 -9.58 25.57
N ALA B 205 -7.58 -9.92 25.83
CA ALA B 205 -7.90 -11.33 25.88
C ALA B 205 -8.08 -11.90 24.49
N VAL B 206 -8.31 -11.05 23.50
CA VAL B 206 -8.84 -11.54 22.24
C VAL B 206 -7.90 -11.28 21.07
N MET B 207 -6.71 -10.77 21.34
CA MET B 207 -5.74 -10.36 20.33
C MET B 207 -4.38 -10.92 20.70
N TYR B 208 -3.63 -11.29 19.67
CA TYR B 208 -2.26 -11.80 19.83
C TYR B 208 -1.47 -11.50 18.57
N MET B 209 -0.23 -11.02 18.74
CA MET B 209 0.69 -10.74 17.64
C MET B 209 1.81 -11.77 17.71
N GLY B 210 2.00 -12.52 16.62
CA GLY B 210 3.07 -13.52 16.59
C GLY B 210 2.77 -14.84 15.92
N THR B 211 1.50 -15.17 15.76
CA THR B 211 1.16 -16.34 14.98
C THR B 211 -0.21 -16.11 14.39
N LEU B 212 -0.41 -16.64 13.20
CA LEU B 212 -1.72 -16.66 12.58
C LEU B 212 -2.61 -17.78 13.12
N SER B 213 -2.01 -18.84 13.70
CA SER B 213 -2.70 -20.11 13.95
C SER B 213 -3.24 -20.20 15.38
N TYR B 214 -4.57 -20.16 15.52
CA TYR B 214 -5.16 -20.44 16.81
C TYR B 214 -4.73 -21.82 17.31
N GLU B 215 -4.59 -22.76 16.40
CA GLU B 215 -4.22 -24.13 16.77
C GLU B 215 -2.81 -24.19 17.33
N GLN B 216 -1.87 -23.40 16.76
CA GLN B 216 -0.51 -23.34 17.27
C GLN B 216 -0.49 -22.71 18.66
N PHE B 217 -1.21 -21.61 18.81
CA PHE B 217 -1.36 -20.95 20.10
C PHE B 217 -1.82 -21.94 21.16
N LYS B 218 -2.74 -22.84 20.78
CA LYS B 218 -3.23 -23.84 21.72
C LYS B 218 -2.16 -24.89 22.00
N LYS B 219 -1.44 -25.33 20.96
CA LYS B 219 -0.42 -26.36 21.12
C LYS B 219 0.77 -25.83 21.90
N GLY B 220 1.25 -24.67 21.51
CA GLY B 220 2.45 -24.15 22.11
C GLY B 220 3.27 -23.30 21.15
N VAL B 221 3.73 -22.16 21.64
CA VAL B 221 4.53 -21.24 20.85
C VAL B 221 5.88 -21.07 21.52
N GLN B 222 6.94 -21.03 20.71
CA GLN B 222 8.27 -20.67 21.20
C GLN B 222 8.35 -19.19 21.54
N ILE B 223 9.01 -18.88 22.65
CA ILE B 223 9.19 -17.50 23.10
C ILE B 223 10.60 -17.32 23.64
N PRO B 224 11.25 -16.17 23.38
CA PRO B 224 12.64 -15.95 23.78
C PRO B 224 12.96 -16.15 25.26
N ALA B 231 11.61 -21.71 26.09
CA ALA B 231 10.38 -21.26 26.73
C ALA B 231 9.17 -21.46 25.80
N THR B 232 8.12 -22.08 26.34
CA THR B 232 6.91 -22.38 25.59
C THR B 232 5.72 -21.73 26.29
N LYS B 233 4.96 -20.93 25.54
CA LYS B 233 3.74 -20.29 26.01
C LYS B 233 2.55 -20.94 25.31
N TYR B 234 1.51 -21.29 26.07
CA TYR B 234 0.36 -21.98 25.49
C TYR B 234 -0.95 -21.49 26.13
N LEU B 235 -2.00 -21.57 25.33
CA LEU B 235 -3.31 -21.10 25.75
C LEU B 235 -3.94 -22.10 26.73
N VAL B 236 -4.24 -21.63 27.92
CA VAL B 236 -4.91 -22.45 28.91
C VAL B 236 -6.43 -22.35 28.76
N GLN B 237 -6.96 -21.13 28.74
CA GLN B 237 -8.40 -20.93 28.69
C GLN B 237 -8.77 -19.68 27.88
N GLN B 238 -9.77 -19.83 27.01
CA GLN B 238 -10.32 -18.72 26.23
C GLN B 238 -11.80 -18.55 26.51
N GLU B 239 -12.19 -17.33 26.90
CA GLU B 239 -13.60 -17.00 27.13
C GLU B 239 -13.87 -15.73 26.33
N SER B 240 -14.35 -15.88 25.10
CA SER B 240 -14.63 -14.73 24.25
C SER B 240 -15.46 -15.20 23.06
N PRO B 241 -16.14 -14.29 22.39
CA PRO B 241 -16.89 -14.67 21.19
C PRO B 241 -15.99 -14.89 19.98
N PHE B 242 -14.76 -14.41 20.00
CA PHE B 242 -13.84 -14.64 18.90
C PHE B 242 -12.43 -14.40 19.42
N VAL B 243 -11.45 -14.77 18.62
CA VAL B 243 -10.06 -14.44 18.86
C VAL B 243 -9.50 -13.94 17.54
N MET B 244 -8.55 -13.02 17.62
CA MET B 244 -7.89 -12.45 16.45
C MET B 244 -6.38 -12.68 16.55
N MET B 245 -5.85 -13.52 15.65
CA MET B 245 -4.46 -13.90 15.62
C MET B 245 -3.74 -13.13 14.52
N SER B 246 -2.73 -12.36 14.87
CA SER B 246 -2.02 -11.54 13.88
C SER B 246 -0.54 -11.88 13.86
N ALA B 247 0.10 -11.54 12.75
CA ALA B 247 1.53 -11.73 12.55
C ALA B 247 1.95 -10.92 11.31
N PRO B 248 3.23 -10.59 11.21
CA PRO B 248 3.71 -9.92 10.02
C PRO B 248 3.31 -10.72 8.80
N PRO B 249 2.90 -10.07 7.74
CA PRO B 249 2.52 -10.80 6.52
C PRO B 249 3.47 -11.96 6.25
N ALA B 250 2.90 -13.15 6.05
CA ALA B 250 3.65 -14.37 5.78
C ALA B 250 2.80 -15.32 4.94
N GLN B 251 3.44 -16.03 4.00
CA GLN B 251 2.70 -16.99 3.18
C GLN B 251 1.98 -18.03 4.05
N TYR B 252 0.72 -18.31 3.72
CA TYR B 252 -0.19 -19.05 4.58
C TYR B 252 -1.24 -19.71 3.71
N GLU B 253 -1.55 -20.96 4.01
CA GLU B 253 -2.66 -21.68 3.40
C GLU B 253 -3.84 -21.55 4.34
N LEU B 254 -4.97 -21.10 3.80
CA LEU B 254 -6.22 -20.98 4.56
C LEU B 254 -7.14 -22.12 4.16
N LYS B 255 -7.57 -22.91 5.13
CA LYS B 255 -8.37 -24.11 4.85
C LYS B 255 -9.84 -23.85 5.14
N HIS B 256 -10.70 -24.20 4.18
CA HIS B 256 -12.14 -24.09 4.34
C HIS B 256 -12.59 -24.68 5.67
N GLY B 257 -13.44 -23.94 6.38
CA GLY B 257 -14.01 -24.42 7.62
C GLY B 257 -13.15 -24.24 8.85
N THR B 258 -11.88 -23.89 8.70
CA THR B 258 -10.97 -23.83 9.84
C THR B 258 -10.82 -22.45 10.42
N PHE B 259 -11.47 -21.44 9.84
CA PHE B 259 -11.43 -20.07 10.36
C PHE B 259 -12.66 -19.32 9.87
N THR B 260 -12.80 -18.12 10.38
CA THR B 260 -13.94 -17.28 9.97
C THR B 260 -13.60 -16.36 8.80
N CYS B 261 -12.55 -15.55 8.96
CA CYS B 261 -12.13 -14.62 7.92
C CYS B 261 -10.69 -14.23 8.21
N ALA B 262 -10.09 -13.51 7.25
CA ALA B 262 -8.67 -13.17 7.33
C ALA B 262 -8.27 -12.00 6.45
N SER B 263 -7.23 -11.30 6.91
CA SER B 263 -6.69 -10.13 6.23
C SER B 263 -5.53 -10.56 5.36
N GLU B 264 -5.65 -10.34 4.05
CA GLU B 264 -4.53 -10.54 3.13
C GLU B 264 -3.87 -9.19 2.84
N TYR B 265 -2.57 -9.12 3.02
CA TYR B 265 -1.77 -7.93 2.75
C TYR B 265 -0.79 -8.29 1.65
N THR B 266 -0.79 -7.54 0.57
CA THR B 266 0.27 -7.60 -0.41
C THR B 266 0.96 -6.25 -0.44
N GLY B 267 2.29 -6.25 -0.54
CA GLY B 267 3.05 -4.99 -0.66
C GLY B 267 4.01 -4.79 0.48
N ASN B 268 4.57 -3.59 0.58
CA ASN B 268 5.58 -3.27 1.61
C ASN B 268 4.88 -2.53 2.74
N TYR B 269 5.54 -2.43 3.89
CA TYR B 269 4.98 -1.81 5.11
C TYR B 269 4.44 -0.41 4.88
N GLN B 270 3.18 -0.16 5.26
CA GLN B 270 2.52 1.16 5.20
C GLN B 270 2.30 1.64 3.78
N CYS B 271 2.52 0.80 2.76
CA CYS B 271 2.43 1.23 1.35
C CYS B 271 1.88 0.12 0.46
N GLY B 272 1.09 -0.82 1.00
CA GLY B 272 0.59 -1.95 0.25
C GLY B 272 -0.91 -2.01 0.05
N HIS B 273 -1.50 -3.21 0.22
CA HIS B 273 -2.90 -3.42 -0.12
C HIS B 273 -3.48 -4.64 0.60
N TYR B 274 -4.70 -4.49 1.05
CA TYR B 274 -5.38 -5.49 1.86
C TYR B 274 -6.51 -6.11 1.06
N LYS B 275 -6.70 -7.41 1.27
CA LYS B 275 -7.86 -8.15 0.79
C LYS B 275 -8.42 -8.97 1.94
N HIS B 276 -9.68 -9.36 1.81
CA HIS B 276 -10.42 -10.04 2.88
C HIS B 276 -10.85 -11.42 2.41
N ILE B 277 -10.46 -12.45 3.15
CA ILE B 277 -10.84 -13.82 2.85
C ILE B 277 -11.85 -14.26 3.90
N THR B 278 -12.94 -14.88 3.44
CA THR B 278 -14.03 -15.36 4.33
C THR B 278 -14.38 -16.78 3.96
N SER B 279 -14.34 -17.71 4.91
CA SER B 279 -14.78 -19.12 4.68
C SER B 279 -16.28 -19.15 4.95
N LYS B 280 -17.08 -19.48 3.94
CA LYS B 280 -18.56 -19.58 4.05
C LYS B 280 -18.92 -21.00 3.58
N GLU B 281 -19.34 -21.19 2.33
CA GLU B 281 -19.57 -22.52 1.71
C GLU B 281 -18.25 -22.91 1.09
N THR B 282 -17.42 -21.93 0.76
CA THR B 282 -16.08 -22.12 0.19
C THR B 282 -15.32 -20.87 0.56
N LEU B 283 -14.03 -20.81 0.24
CA LEU B 283 -13.21 -19.63 0.52
C LEU B 283 -13.59 -18.55 -0.51
N TYR B 284 -13.79 -17.32 -0.06
CA TYR B 284 -14.14 -16.18 -0.94
C TYR B 284 -13.11 -15.11 -0.73
N CYS B 285 -12.72 -14.38 -1.76
CA CYS B 285 -11.80 -13.21 -1.62
C CYS B 285 -12.55 -11.94 -2.01
N ILE B 286 -12.97 -11.15 -1.01
CA ILE B 286 -13.67 -9.86 -1.27
C ILE B 286 -12.58 -8.78 -1.41
N ASP B 287 -12.25 -8.41 -2.65
CA ASP B 287 -11.26 -7.34 -2.94
C ASP B 287 -12.07 -6.10 -3.30
N GLY B 288 -12.48 -5.33 -2.31
CA GLY B 288 -13.36 -4.18 -2.54
C GLY B 288 -14.65 -4.62 -3.19
N ALA B 289 -14.93 -4.16 -4.40
CA ALA B 289 -16.16 -4.50 -5.15
C ALA B 289 -15.95 -5.76 -5.97
N LEU B 290 -14.72 -6.23 -6.06
CA LEU B 290 -14.37 -7.42 -6.86
C LEU B 290 -14.44 -8.67 -5.97
N LEU B 291 -14.80 -9.80 -6.55
CA LEU B 291 -14.96 -11.05 -5.76
C LEU B 291 -14.47 -12.25 -6.56
N THR B 292 -13.64 -13.08 -5.95
CA THR B 292 -13.24 -14.37 -6.51
C THR B 292 -13.53 -15.50 -5.52
N LYS B 293 -13.58 -16.70 -6.06
CA LYS B 293 -13.96 -17.88 -5.28
C LYS B 293 -12.92 -18.97 -5.56
N SER B 294 -12.55 -19.68 -4.50
CA SER B 294 -11.55 -20.74 -4.65
C SER B 294 -11.74 -21.75 -3.52
N SER B 295 -11.39 -23.01 -3.81
CA SER B 295 -11.58 -24.06 -2.81
C SER B 295 -10.46 -24.02 -1.78
N GLU B 296 -9.24 -23.77 -2.22
CA GLU B 296 -8.13 -23.53 -1.31
C GLU B 296 -7.62 -22.10 -1.49
N TYR B 297 -6.89 -21.62 -0.49
CA TYR B 297 -6.29 -20.30 -0.56
C TYR B 297 -4.87 -20.35 -0.01
N LYS B 298 -3.93 -19.79 -0.78
CA LYS B 298 -2.54 -19.63 -0.37
C LYS B 298 -2.14 -18.21 -0.72
N GLY B 299 -1.65 -17.48 0.26
CA GLY B 299 -1.39 -16.08 0.09
C GLY B 299 -0.76 -15.48 1.33
N PRO B 300 -0.44 -14.17 1.23
CA PRO B 300 0.21 -13.46 2.36
C PRO B 300 -0.88 -12.97 3.31
N ILE B 301 -0.85 -13.50 4.54
CA ILE B 301 -1.84 -13.24 5.55
C ILE B 301 -1.16 -12.57 6.71
N THR B 302 -1.86 -11.62 7.35
CA THR B 302 -1.37 -11.01 8.59
C THR B 302 -2.42 -10.99 9.70
N ASP B 303 -3.70 -11.13 9.40
CA ASP B 303 -4.68 -11.34 10.46
C ASP B 303 -5.60 -12.52 10.14
N VAL B 304 -5.87 -13.36 11.14
CA VAL B 304 -6.91 -14.38 11.02
C VAL B 304 -7.83 -14.33 12.23
N PHE B 305 -9.13 -14.42 11.96
CA PHE B 305 -10.17 -14.37 12.96
C PHE B 305 -10.80 -15.76 13.09
N TYR B 306 -10.98 -16.20 14.32
CA TYR B 306 -11.66 -17.47 14.59
C TYR B 306 -12.76 -17.23 15.63
N LYS B 307 -13.94 -17.79 15.40
CA LYS B 307 -15.01 -17.66 16.38
C LYS B 307 -14.69 -18.50 17.60
N GLU B 308 -15.32 -18.18 18.71
CA GLU B 308 -15.10 -18.93 19.93
C GLU B 308 -16.30 -18.70 20.85
N ASN B 309 -16.46 -19.61 21.79
CA ASN B 309 -17.27 -19.33 22.98
C ASN B 309 -16.44 -19.58 24.23
N SER B 310 -16.07 -20.83 24.52
CA SER B 310 -15.27 -21.20 25.67
C SER B 310 -14.40 -22.39 25.27
N TYR B 311 -13.09 -22.25 25.50
CA TYR B 311 -12.10 -23.30 25.26
C TYR B 311 -11.27 -23.50 26.53
N THR B 312 -11.01 -24.76 26.88
CA THR B 312 -10.14 -25.13 27.98
C THR B 312 -9.19 -26.20 27.49
N THR B 313 -7.92 -26.07 27.84
CA THR B 313 -6.90 -26.96 27.32
C THR B 313 -6.93 -28.33 28.00
N THR B 314 -6.32 -29.31 27.33
CA THR B 314 -6.15 -30.66 27.83
C THR B 314 -4.76 -30.89 28.41
N ILE B 315 -3.77 -30.10 28.01
CA ILE B 315 -2.50 -30.10 28.69
C ILE B 315 -2.72 -30.07 30.19
N LYS B 316 -1.94 -30.89 30.92
CA LYS B 316 -2.09 -31.05 32.38
C LYS B 316 -1.13 -30.20 33.20
C32 A1LZ7 C . 11.45 16.73 -19.73
C33 A1LZ7 C . 12.23 16.39 -18.63
C12 A1LZ7 C . 18.55 10.95 -23.73
C16 A1LZ7 C . 15.97 12.51 -23.19
C17 A1LZ7 C . 16.09 12.78 -21.72
C02 A1LZ7 C . 16.06 14.92 -17.09
C03 A1LZ7 C . 16.92 13.92 -17.72
C04 A1LZ7 C . 17.87 13.26 -16.94
C05 A1LZ7 C . 18.02 13.58 -15.45
C06 A1LZ7 C . 18.66 12.31 -17.57
C07 A1LZ7 C . 18.51 11.97 -18.91
C08 A1LZ7 C . 17.57 12.61 -19.72
C10 A1LZ7 C . 17.41 10.88 -21.42
C11 A1LZ7 C . 17.29 10.54 -22.93
C14 A1LZ7 C . 15.93 10.78 -24.89
C15 A1LZ7 C . 15.76 9.28 -25.05
C18 A1LZ7 C . 16.78 13.56 -19.05
C20 A1LZ7 C . 13.85 15.70 -16.28
C21 A1LZ7 C . 13.80 15.42 -14.77
C22 A1LZ7 C . 12.66 14.89 -15.65
C23 A1LZ7 C . 13.72 17.08 -16.82
C24 A1LZ7 C . 14.40 18.19 -16.28
C25 A1LZ7 C . 14.31 19.53 -16.77
C26 A1LZ7 C . 13.51 19.83 -17.87
C27 A1LZ7 C . 12.83 18.70 -18.42
C28 A1LZ7 C . 12.04 19.10 -19.55
C29 A1LZ7 C . 12.21 20.57 -19.79
C30 A1LZ7 C . 13.19 21.06 -18.65
C31 A1LZ7 C . 11.35 18.08 -20.20
C34 A1LZ7 C . 12.94 17.43 -17.95
N09 A1LZ7 C . 17.35 12.32 -21.12
N13 A1LZ7 C . 16.06 11.07 -23.48
N19 A1LZ7 C . 14.68 14.83 -16.93
O01 A1LZ7 C . 16.64 15.95 -16.63
C32 A1LZ7 D . 4.87 -5.61 6.24
C33 A1LZ7 D . 3.71 -5.29 6.96
C12 A1LZ7 D . 1.99 0.11 13.52
C16 A1LZ7 D . 0.93 3.08 13.05
C17 A1LZ7 D . 0.85 2.91 11.53
C02 A1LZ7 D . 1.30 -2.18 7.75
C03 A1LZ7 D . 0.87 -0.81 8.09
C04 A1LZ7 D . 0.02 -0.06 7.26
C05 A1LZ7 D . -0.47 -0.62 5.95
C06 A1LZ7 D . -0.35 1.23 7.64
C07 A1LZ7 D . 0.05 1.78 8.86
C08 A1LZ7 D . 0.89 1.08 9.74
C10 A1LZ7 D . 2.62 1.30 11.52
C11 A1LZ7 D . 2.69 1.30 13.01
C14 A1LZ7 D . 2.09 2.48 15.13
C15 A1LZ7 D . 1.12 3.54 15.64
C18 A1LZ7 D . 1.26 -0.22 9.29
C20 A1LZ7 D . 1.27 -4.62 8.49
C21 A1LZ7 D . 0.48 -5.35 7.36
C22 A1LZ7 D . -0.07 -5.34 8.74
C23 A1LZ7 D . 2.59 -5.06 9.11
C24 A1LZ7 D . 2.80 -5.16 10.51
C25 A1LZ7 D . 4.07 -5.55 11.15
C26 A1LZ7 D . 5.18 -5.86 10.37
C27 A1LZ7 D . 4.96 -5.74 8.94
C28 A1LZ7 D . 6.18 -6.08 8.24
C29 A1LZ7 D . 7.24 -6.43 9.20
C30 A1LZ7 D . 6.60 -6.31 10.62
C31 A1LZ7 D . 6.11 -6.02 6.87
C34 A1LZ7 D . 3.78 -5.34 8.37
N09 A1LZ7 D . 1.32 1.56 11.03
N13 A1LZ7 D . 2.21 2.62 13.63
N19 A1LZ7 D . 1.00 -3.25 8.58
O01 A1LZ7 D . 1.95 -2.40 6.68
#